data_2P19
#
_entry.id   2P19
#
_cell.length_a   106.418
_cell.length_b   106.418
_cell.length_c   225.950
_cell.angle_alpha   90.00
_cell.angle_beta   90.00
_cell.angle_gamma   120.00
#
_symmetry.space_group_name_H-M   'P 61 2 2'
#
loop_
_entity.id
_entity.type
_entity.pdbx_description
1 polymer 'Transcriptional regulator'
2 water water
#
_entity_poly.entity_id   1
_entity_poly.type   'polypeptide(L)'
_entity_poly.pdbx_seq_one_letter_code
;LKNANLDPKTRVLEHRLLAASSAIAEKLGVSAGDEVLLIRRLRSTGDIPVAILENYLPPAFNDVSLDELEKGGLYDALRS
RGVVLKIANQKIGARRAVGEESTLLDIEDGGPLLTVERVALDNSGQVIELGSHCYRPDMYNFETTLVAR
;
_entity_poly.pdbx_strand_id   A,B,C
#
# COMPACT_ATOMS: atom_id res chain seq x y z
N LYS A 2 9.02 -4.00 -21.41
CA LYS A 2 9.34 -2.73 -20.66
C LYS A 2 8.42 -1.56 -21.04
N ASN A 3 7.93 -1.55 -22.29
CA ASN A 3 7.06 -0.48 -22.78
C ASN A 3 5.74 -0.38 -21.99
N ALA A 4 5.22 -1.55 -21.58
CA ALA A 4 3.94 -1.67 -20.88
C ALA A 4 4.10 -1.65 -19.35
N ASN A 5 5.33 -1.56 -18.86
CA ASN A 5 5.61 -1.52 -17.43
C ASN A 5 5.21 -0.19 -16.82
N LEU A 6 4.56 -0.24 -15.65
CA LEU A 6 4.22 0.96 -14.89
C LEU A 6 5.10 1.03 -13.64
N ASP A 7 5.84 2.13 -13.51
CA ASP A 7 6.81 2.32 -12.42
C ASP A 7 6.12 2.57 -11.07
N PRO A 8 6.67 2.02 -9.97
CA PRO A 8 6.11 2.29 -8.65
C PRO A 8 6.32 3.74 -8.22
N LYS A 9 5.31 4.32 -7.58
CA LYS A 9 5.39 5.70 -7.10
C LYS A 9 5.07 5.70 -5.61
N THR A 10 5.65 6.66 -4.88
CA THR A 10 5.42 6.75 -3.45
C THR A 10 5.32 8.22 -3.04
N ARG A 11 4.37 8.54 -2.17
CA ARG A 11 4.44 9.81 -1.46
C ARG A 11 4.14 9.62 0.03
N VAL A 12 4.68 10.50 0.85
CA VAL A 12 4.58 10.36 2.30
C VAL A 12 3.32 11.07 2.77
N LEU A 13 2.46 10.34 3.47
CA LEU A 13 1.26 10.93 4.04
C LEU A 13 1.49 11.46 5.46
N GLU A 14 2.37 10.80 6.22
CA GLU A 14 2.53 11.11 7.64
C GLU A 14 3.87 10.54 8.13
N HIS A 15 4.52 11.27 9.03
CA HIS A 15 5.83 10.93 9.53
C HIS A 15 5.87 11.62 10.89
N ARG A 16 5.65 10.86 11.95
CA ARG A 16 5.59 11.45 13.28
C ARG A 16 6.04 10.49 14.37
N LEU A 17 6.80 11.04 15.31
CA LEU A 17 7.16 10.34 16.53
C LEU A 17 5.96 10.39 17.46
N LEU A 18 5.72 9.29 18.16
CA LEU A 18 4.60 9.19 19.08
C LEU A 18 4.99 8.20 20.16
N ALA A 19 4.24 8.23 21.26
CA ALA A 19 4.44 7.30 22.37
C ALA A 19 3.90 5.93 21.97
N ALA A 20 4.68 4.87 22.18
CA ALA A 20 4.19 3.54 21.87
C ALA A 20 3.05 3.13 22.81
N SER A 21 1.94 2.69 22.23
CA SER A 21 0.88 2.09 23.01
C SER A 21 1.38 0.76 23.61
N SER A 22 0.64 0.19 24.57
CA SER A 22 1.04 -1.09 25.14
C SER A 22 1.21 -2.16 24.06
N ALA A 23 0.25 -2.24 23.14
CA ALA A 23 0.25 -3.20 22.04
C ALA A 23 1.45 -3.01 21.10
N ILE A 24 1.73 -1.77 20.70
CA ILE A 24 2.86 -1.50 19.83
C ILE A 24 4.18 -1.81 20.53
N ALA A 25 4.33 -1.34 21.78
CA ALA A 25 5.51 -1.63 22.60
C ALA A 25 5.76 -3.12 22.73
N GLU A 26 4.70 -3.88 23.05
CA GLU A 26 4.78 -5.34 23.12
C GLU A 26 5.30 -5.94 21.81
N LYS A 27 4.70 -5.52 20.70
CA LYS A 27 5.10 -6.02 19.38
C LYS A 27 6.55 -5.67 19.01
N LEU A 28 7.04 -4.52 19.45
CA LEU A 28 8.42 -4.09 19.13
C LEU A 28 9.45 -4.63 20.11
N GLY A 29 8.99 -5.12 21.26
CA GLY A 29 9.89 -5.52 22.33
C GLY A 29 10.46 -4.35 23.13
N VAL A 30 9.68 -3.27 23.25
CA VAL A 30 10.12 -2.08 24.01
C VAL A 30 9.15 -1.78 25.18
N SER A 31 9.39 -0.67 25.89
CA SER A 31 8.51 -0.25 26.99
C SER A 31 7.32 0.57 26.49
N ALA A 32 6.16 0.38 27.12
CA ALA A 32 5.00 1.21 26.85
C ALA A 32 5.40 2.68 26.99
N GLY A 33 5.04 3.47 25.98
CA GLY A 33 5.37 4.88 25.96
C GLY A 33 6.70 5.26 25.32
N ASP A 34 7.50 4.29 24.92
CA ASP A 34 8.78 4.60 24.24
C ASP A 34 8.50 5.35 22.92
N GLU A 35 9.42 6.23 22.54
CA GLU A 35 9.27 7.05 21.34
C GLU A 35 9.50 6.28 20.04
N VAL A 36 8.40 5.92 19.37
CA VAL A 36 8.45 5.18 18.10
C VAL A 36 8.12 6.10 16.90
N LEU A 37 8.52 5.70 15.70
CA LEU A 37 8.20 6.50 14.49
C LEU A 37 7.10 5.83 13.68
N LEU A 38 5.99 6.55 13.49
CA LEU A 38 4.94 6.15 12.56
C LEU A 38 5.21 6.76 11.19
N ILE A 39 5.23 5.91 10.17
CA ILE A 39 5.33 6.37 8.78
C ILE A 39 4.10 5.87 8.01
N ARG A 40 3.42 6.77 7.32
CA ARG A 40 2.34 6.39 6.39
C ARG A 40 2.66 6.90 4.96
N ARG A 41 2.50 6.01 3.99
CA ARG A 41 2.82 6.32 2.59
C ARG A 41 1.72 5.83 1.67
N LEU A 42 1.51 6.55 0.57
CA LEU A 42 0.69 6.08 -0.52
C LEU A 42 1.59 5.56 -1.66
N ARG A 43 1.41 4.29 -1.98
CA ARG A 43 2.13 3.64 -3.07
C ARG A 43 1.17 3.54 -4.26
N SER A 44 1.67 3.90 -5.44
CA SER A 44 0.90 3.82 -6.67
C SER A 44 1.71 3.02 -7.71
N THR A 45 1.00 2.55 -8.75
CA THR A 45 1.61 1.90 -9.89
C THR A 45 1.34 2.81 -11.10
N GLY A 46 2.36 3.45 -11.67
CA GLY A 46 2.08 4.51 -12.65
C GLY A 46 1.23 5.60 -11.98
N ASP A 47 0.06 5.91 -12.55
CA ASP A 47 -0.87 6.91 -12.00
C ASP A 47 -1.94 6.35 -11.04
N ILE A 48 -1.95 5.03 -10.83
CA ILE A 48 -3.04 4.38 -10.11
C ILE A 48 -2.60 4.06 -8.69
N PRO A 49 -3.33 4.59 -7.69
CA PRO A 49 -3.06 4.29 -6.27
C PRO A 49 -3.21 2.80 -6.01
N VAL A 50 -2.32 2.20 -5.22
CA VAL A 50 -2.29 0.75 -5.02
C VAL A 50 -2.37 0.33 -3.55
N ALA A 51 -1.66 1.05 -2.69
CA ALA A 51 -1.53 0.62 -1.30
C ALA A 51 -1.32 1.80 -0.38
N ILE A 52 -1.93 1.68 0.79
CA ILE A 52 -1.59 2.53 1.92
C ILE A 52 -0.66 1.74 2.83
N LEU A 53 0.58 2.20 2.93
CA LEU A 53 1.58 1.52 3.72
C LEU A 53 1.73 2.21 5.06
N GLU A 54 1.70 1.44 6.14
CA GLU A 54 1.89 1.99 7.48
C GLU A 54 2.95 1.19 8.20
N ASN A 55 3.95 1.89 8.72
CA ASN A 55 5.04 1.26 9.46
C ASN A 55 5.30 1.94 10.80
N TYR A 56 5.66 1.12 11.78
CA TYR A 56 6.18 1.62 13.04
C TYR A 56 7.62 1.17 13.19
N LEU A 57 8.48 2.12 13.55
CA LEU A 57 9.89 1.86 13.76
C LEU A 57 10.20 2.04 15.23
N PRO A 58 11.04 1.15 15.80
CA PRO A 58 11.36 1.24 17.22
C PRO A 58 12.33 2.41 17.49
N PRO A 59 12.53 2.77 18.78
CA PRO A 59 13.37 3.94 19.11
C PRO A 59 14.72 3.92 18.37
N ALA A 60 15.36 2.75 18.29
CA ALA A 60 16.69 2.68 17.64
C ALA A 60 16.72 3.23 16.20
N PHE A 61 15.58 3.14 15.51
CA PHE A 61 15.49 3.56 14.12
C PHE A 61 14.48 4.70 13.92
N ASN A 62 14.14 5.41 14.98
CA ASN A 62 13.06 6.40 14.88
C ASN A 62 13.49 7.73 14.26
N ASP A 63 14.73 7.78 13.75
CA ASP A 63 15.28 8.95 13.07
C ASP A 63 15.26 8.83 11.55
N VAL A 64 14.59 7.80 11.01
CA VAL A 64 14.44 7.72 9.54
C VAL A 64 13.76 9.03 9.10
N SER A 65 14.38 9.74 8.16
CA SER A 65 13.96 11.11 7.83
C SER A 65 13.04 11.18 6.62
N LEU A 66 12.33 12.31 6.50
CA LEU A 66 11.56 12.62 5.29
C LEU A 66 12.49 12.56 4.08
N ASP A 67 13.69 13.09 4.24
CA ASP A 67 14.62 13.10 3.11
C ASP A 67 14.98 11.67 2.64
N GLU A 68 15.28 10.76 3.56
CA GLU A 68 15.57 9.40 3.09
C GLU A 68 14.36 8.65 2.52
N LEU A 69 13.15 8.99 2.95
CA LEU A 69 11.93 8.40 2.36
C LEU A 69 11.63 8.97 0.96
N GLU A 70 12.17 10.15 0.65
CA GLU A 70 12.11 10.70 -0.71
C GLU A 70 13.12 10.03 -1.64
N LYS A 71 14.27 9.65 -1.10
CA LYS A 71 15.37 9.10 -1.90
C LYS A 71 15.35 7.57 -2.05
N GLY A 72 14.60 6.89 -1.20
CA GLY A 72 14.60 5.44 -1.18
C GLY A 72 13.46 4.97 -0.31
N GLY A 73 13.34 3.67 -0.14
CA GLY A 73 12.29 3.16 0.73
C GLY A 73 12.79 3.03 2.15
N LEU A 74 11.97 2.37 2.97
CA LEU A 74 12.29 2.17 4.35
C LEU A 74 13.51 1.25 4.53
N TYR A 75 13.56 0.18 3.74
CA TYR A 75 14.66 -0.76 3.85
C TYR A 75 16.02 -0.26 3.35
N ASP A 76 16.01 0.63 2.36
CA ASP A 76 17.20 1.40 1.99
C ASP A 76 17.73 2.18 3.20
N ALA A 77 16.83 2.87 3.91
CA ALA A 77 17.21 3.61 5.12
C ALA A 77 17.77 2.69 6.21
N LEU A 78 17.13 1.54 6.41
CA LEU A 78 17.59 0.59 7.42
C LEU A 78 18.94 -0.03 7.04
N ARG A 79 19.14 -0.31 5.75
CA ARG A 79 20.44 -0.74 5.23
C ARG A 79 21.55 0.28 5.53
N SER A 80 21.24 1.58 5.40
CA SER A 80 22.20 2.64 5.77
C SER A 80 22.64 2.51 7.20
N ARG A 81 21.76 1.95 8.03
CA ARG A 81 22.02 1.83 9.46
C ARG A 81 22.65 0.47 9.77
N GLY A 82 23.02 -0.27 8.73
CA GLY A 82 23.65 -1.60 8.91
C GLY A 82 22.65 -2.67 9.33
N VAL A 83 21.36 -2.41 9.11
CA VAL A 83 20.31 -3.34 9.46
C VAL A 83 19.91 -4.13 8.23
N VAL A 84 19.88 -5.44 8.35
CA VAL A 84 19.34 -6.26 7.28
C VAL A 84 18.30 -7.27 7.77
N LEU A 85 17.21 -7.37 7.01
CA LEU A 85 16.12 -8.27 7.30
C LEU A 85 16.57 -9.74 7.31
N LYS A 86 16.23 -10.46 8.38
CA LYS A 86 16.41 -11.90 8.44
C LYS A 86 15.09 -12.70 8.38
N ILE A 87 14.08 -12.26 9.11
CA ILE A 87 12.80 -12.98 9.21
C ILE A 87 11.65 -12.00 9.01
N ALA A 88 10.66 -12.37 8.20
CA ALA A 88 9.40 -11.62 8.10
C ALA A 88 8.21 -12.56 8.29
N ASN A 89 7.46 -12.32 9.37
CA ASN A 89 6.16 -12.95 9.58
C ASN A 89 5.09 -12.05 9.01
N GLN A 90 4.24 -12.63 8.17
CA GLN A 90 3.16 -11.90 7.52
C GLN A 90 1.82 -12.60 7.72
N LYS A 91 0.79 -11.81 8.02
CA LYS A 91 -0.57 -12.31 8.11
C LYS A 91 -1.40 -11.56 7.07
N ILE A 92 -2.01 -12.33 6.17
CA ILE A 92 -2.72 -11.76 5.03
C ILE A 92 -4.21 -11.95 5.24
N GLY A 93 -4.95 -10.84 5.18
CA GLY A 93 -6.40 -10.87 5.38
C GLY A 93 -7.10 -9.98 4.37
N ALA A 94 -8.37 -9.68 4.65
CA ALA A 94 -9.18 -8.80 3.79
C ALA A 94 -10.22 -8.12 4.67
N ARG A 95 -10.63 -6.91 4.28
CA ARG A 95 -11.63 -6.15 5.01
C ARG A 95 -12.18 -5.07 4.08
N ARG A 96 -13.21 -4.37 4.55
CA ARG A 96 -13.78 -3.21 3.87
C ARG A 96 -12.95 -1.93 4.07
N ALA A 97 -12.89 -1.11 3.03
CA ALA A 97 -12.25 0.20 3.14
C ALA A 97 -13.13 1.08 4.01
N VAL A 98 -12.49 1.87 4.88
CA VAL A 98 -13.20 2.79 5.77
C VAL A 98 -12.51 4.16 5.76
N GLY A 99 -13.25 5.21 6.13
CA GLY A 99 -12.67 6.56 6.26
C GLY A 99 -12.16 7.07 4.94
N GLU A 100 -10.96 7.65 4.96
CA GLU A 100 -10.31 8.20 3.76
C GLU A 100 -9.60 7.14 2.92
N GLU A 101 -9.66 5.88 3.33
CA GLU A 101 -9.03 4.82 2.56
C GLU A 101 -9.56 4.76 1.13
N SER A 102 -10.86 4.91 0.95
CA SER A 102 -11.44 4.78 -0.39
C SER A 102 -11.05 5.95 -1.29
N THR A 103 -10.90 7.15 -0.72
CA THR A 103 -10.48 8.28 -1.53
C THR A 103 -8.96 8.26 -1.76
N LEU A 104 -8.19 7.82 -0.77
CA LEU A 104 -6.74 7.65 -1.00
C LEU A 104 -6.47 6.65 -2.12
N LEU A 105 -7.24 5.56 -2.14
CA LEU A 105 -7.00 4.49 -3.13
C LEU A 105 -7.87 4.61 -4.38
N ASP A 106 -8.75 5.60 -4.43
CA ASP A 106 -9.70 5.75 -5.55
C ASP A 106 -10.54 4.47 -5.78
N ILE A 107 -11.16 3.98 -4.71
CA ILE A 107 -12.04 2.82 -4.80
C ILE A 107 -13.36 3.20 -4.13
N GLU A 108 -14.30 2.25 -4.05
CA GLU A 108 -15.59 2.46 -3.42
C GLU A 108 -15.46 2.37 -1.91
N ASP A 109 -16.18 3.24 -1.21
CA ASP A 109 -16.31 3.13 0.23
C ASP A 109 -16.96 1.78 0.52
N GLY A 110 -16.41 1.07 1.50
CA GLY A 110 -16.85 -0.27 1.83
C GLY A 110 -16.38 -1.34 0.83
N GLY A 111 -15.61 -0.94 -0.16
CA GLY A 111 -15.02 -1.88 -1.11
C GLY A 111 -13.92 -2.74 -0.46
N PRO A 112 -13.60 -3.91 -1.08
CA PRO A 112 -12.69 -4.84 -0.43
C PRO A 112 -11.24 -4.35 -0.52
N LEU A 113 -10.49 -4.66 0.52
CA LEU A 113 -9.06 -4.43 0.57
C LEU A 113 -8.36 -5.71 0.97
N LEU A 114 -7.23 -5.97 0.35
CA LEU A 114 -6.32 -6.99 0.82
C LEU A 114 -5.43 -6.38 1.90
N THR A 115 -5.23 -7.10 3.01
CA THR A 115 -4.40 -6.56 4.11
C THR A 115 -3.19 -7.43 4.43
N VAL A 116 -2.12 -6.79 4.90
CA VAL A 116 -1.01 -7.55 5.49
C VAL A 116 -0.54 -6.92 6.80
N GLU A 117 -0.38 -7.79 7.81
CA GLU A 117 0.25 -7.44 9.07
C GLU A 117 1.61 -8.14 9.06
N ARG A 118 2.65 -7.38 9.30
CA ARG A 118 4.00 -7.86 9.12
C ARG A 118 4.83 -7.49 10.34
N VAL A 119 5.65 -8.44 10.80
CA VAL A 119 6.69 -8.18 11.79
C VAL A 119 8.01 -8.64 11.17
N ALA A 120 8.97 -7.73 11.08
CA ALA A 120 10.28 -8.02 10.51
C ALA A 120 11.35 -8.06 11.61
N LEU A 121 12.18 -9.10 11.58
CA LEU A 121 13.24 -9.28 12.59
C LEU A 121 14.59 -9.39 11.93
N ASP A 122 15.64 -9.03 12.68
CA ASP A 122 17.00 -9.17 12.18
C ASP A 122 17.62 -10.48 12.69
N ASN A 123 18.88 -10.71 12.33
CA ASN A 123 19.56 -11.98 12.66
C ASN A 123 19.75 -12.20 14.15
N SER A 124 19.55 -11.17 14.96
CA SER A 124 19.63 -11.34 16.41
C SER A 124 18.24 -11.52 17.05
N GLY A 125 17.21 -11.62 16.21
CA GLY A 125 15.84 -11.73 16.68
C GLY A 125 15.26 -10.43 17.19
N GLN A 126 15.86 -9.30 16.82
CA GLN A 126 15.30 -8.01 17.21
C GLN A 126 14.28 -7.53 16.16
N VAL A 127 13.09 -7.14 16.62
CA VAL A 127 12.07 -6.56 15.74
C VAL A 127 12.60 -5.25 15.14
N ILE A 128 12.70 -5.21 13.81
CA ILE A 128 13.21 -4.04 13.11
C ILE A 128 12.08 -3.08 12.72
N GLU A 129 10.90 -3.63 12.41
CA GLU A 129 9.84 -2.87 11.76
C GLU A 129 8.52 -3.60 11.93
N LEU A 130 7.43 -2.85 12.13
CA LEU A 130 6.10 -3.41 12.03
C LEU A 130 5.42 -2.77 10.81
N GLY A 131 4.73 -3.58 10.02
CA GLY A 131 3.99 -3.06 8.87
C GLY A 131 2.53 -3.43 9.01
N SER A 132 1.67 -2.55 8.56
CA SER A 132 0.24 -2.80 8.56
C SER A 132 -0.30 -2.15 7.29
N HIS A 133 -0.40 -2.94 6.23
CA HIS A 133 -0.69 -2.37 4.90
C HIS A 133 -2.02 -2.80 4.32
N CYS A 134 -2.58 -1.97 3.44
CA CYS A 134 -3.78 -2.39 2.71
C CYS A 134 -3.62 -2.05 1.25
N TYR A 135 -4.14 -2.94 0.41
CA TYR A 135 -3.98 -2.91 -1.04
C TYR A 135 -5.33 -3.02 -1.72
N ARG A 136 -5.50 -2.23 -2.78
CA ARG A 136 -6.52 -2.43 -3.82
C ARG A 136 -6.31 -3.82 -4.42
N PRO A 137 -7.25 -4.76 -4.19
CA PRO A 137 -6.97 -6.12 -4.65
C PRO A 137 -7.00 -6.38 -6.18
N ASP A 138 -7.51 -5.44 -6.97
CA ASP A 138 -7.40 -5.58 -8.42
C ASP A 138 -6.02 -5.17 -8.96
N MET A 139 -5.17 -4.62 -8.07
CA MET A 139 -3.85 -4.10 -8.45
C MET A 139 -2.69 -4.87 -7.78
N TYR A 140 -3.00 -5.79 -6.88
CA TYR A 140 -1.98 -6.42 -6.05
C TYR A 140 -2.49 -7.76 -5.51
N ASN A 141 -1.66 -8.80 -5.59
CA ASN A 141 -1.90 -10.08 -4.91
C ASN A 141 -0.60 -10.58 -4.25
N PHE A 142 -0.72 -11.41 -3.23
CA PHE A 142 0.46 -12.03 -2.60
C PHE A 142 0.73 -13.41 -3.17
N GLU A 143 1.83 -13.54 -3.88
CA GLU A 143 2.22 -14.82 -4.48
C GLU A 143 3.15 -15.53 -3.53
N THR A 144 2.86 -16.82 -3.30
CA THR A 144 3.68 -17.68 -2.46
C THR A 144 3.98 -19.01 -3.15
N THR A 145 5.16 -19.54 -2.85
CA THR A 145 5.55 -20.87 -3.29
C THR A 145 6.00 -21.65 -2.07
N LEU A 146 5.38 -22.79 -1.85
CA LEU A 146 5.74 -23.67 -0.74
C LEU A 146 6.30 -24.95 -1.33
N VAL A 147 7.54 -25.28 -0.96
CA VAL A 147 8.19 -26.49 -1.43
C VAL A 147 8.29 -27.50 -0.28
N ALA A 148 7.62 -28.65 -0.43
CA ALA A 148 7.74 -29.74 0.55
C ALA A 148 9.15 -30.31 0.47
N ARG A 149 9.69 -30.77 1.60
CA ARG A 149 11.03 -31.35 1.58
C ARG A 149 11.02 -32.86 1.45
N ASP B 7 4.72 43.37 6.85
CA ASP B 7 4.18 44.33 5.81
C ASP B 7 4.36 43.75 4.38
N PRO B 8 3.72 42.60 4.12
CA PRO B 8 4.11 41.80 2.94
C PRO B 8 3.66 42.40 1.61
N LYS B 9 4.57 42.39 0.63
CA LYS B 9 4.29 42.76 -0.76
C LYS B 9 4.82 41.64 -1.66
N THR B 10 4.11 41.38 -2.77
CA THR B 10 4.44 40.26 -3.66
C THR B 10 4.41 40.65 -5.12
N ARG B 11 5.49 40.33 -5.82
CA ARG B 11 5.51 40.42 -7.27
C ARG B 11 5.64 39.01 -7.82
N VAL B 12 4.73 38.66 -8.73
CA VAL B 12 4.71 37.33 -9.32
C VAL B 12 5.74 37.29 -10.45
N LEU B 13 6.74 36.41 -10.29
CA LEU B 13 7.80 36.20 -11.28
C LEU B 13 7.35 35.25 -12.40
N GLU B 14 6.53 34.26 -12.03
CA GLU B 14 6.00 33.29 -13.00
C GLU B 14 4.67 32.73 -12.55
N HIS B 15 3.79 32.55 -13.52
CA HIS B 15 2.51 31.96 -13.28
C HIS B 15 2.21 31.17 -14.57
N ARG B 16 2.34 29.85 -14.49
CA ARG B 16 2.35 29.00 -15.69
C ARG B 16 1.68 27.65 -15.45
N LEU B 17 0.63 27.39 -16.23
CA LEU B 17 0.03 26.07 -16.30
C LEU B 17 0.88 25.17 -17.19
N LEU B 18 1.12 23.97 -16.69
CA LEU B 18 2.00 23.04 -17.37
C LEU B 18 1.54 21.61 -17.09
N ALA B 19 1.95 20.69 -17.95
CA ALA B 19 1.68 19.27 -17.80
C ALA B 19 2.56 18.70 -16.70
N ALA B 20 1.98 18.04 -15.71
CA ALA B 20 2.80 17.50 -14.61
C ALA B 20 3.77 16.45 -15.16
N SER B 21 5.06 16.61 -14.85
CA SER B 21 6.00 15.52 -15.05
C SER B 21 5.67 14.31 -14.17
N SER B 22 6.30 13.17 -14.49
CA SER B 22 6.19 11.99 -13.67
C SER B 22 6.60 12.31 -12.21
N ALA B 23 7.67 13.06 -12.04
CA ALA B 23 8.15 13.43 -10.70
C ALA B 23 7.19 14.35 -9.93
N ILE B 24 6.71 15.40 -10.59
CA ILE B 24 5.79 16.32 -9.96
C ILE B 24 4.45 15.64 -9.68
N ALA B 25 3.97 14.82 -10.61
CA ALA B 25 2.70 14.08 -10.43
C ALA B 25 2.79 13.17 -9.21
N GLU B 26 3.94 12.51 -9.06
CA GLU B 26 4.18 11.62 -7.91
C GLU B 26 4.08 12.39 -6.60
N LYS B 27 4.76 13.53 -6.53
CA LYS B 27 4.78 14.35 -5.31
C LYS B 27 3.42 15.00 -5.02
N LEU B 28 2.68 15.38 -6.07
CA LEU B 28 1.31 15.93 -5.91
C LEU B 28 0.25 14.87 -5.67
N GLY B 29 0.62 13.62 -5.91
CA GLY B 29 -0.32 12.51 -5.87
C GLY B 29 -1.37 12.60 -6.96
N VAL B 30 -0.99 13.10 -8.14
CA VAL B 30 -1.91 13.22 -9.29
C VAL B 30 -1.34 12.38 -10.45
N SER B 31 -1.86 12.56 -11.67
CA SER B 31 -1.38 11.77 -12.83
C SER B 31 -0.42 12.59 -13.70
N ALA B 32 0.59 11.93 -14.25
CA ALA B 32 1.50 12.57 -15.20
C ALA B 32 0.69 13.23 -16.32
N GLY B 33 1.10 14.44 -16.72
CA GLY B 33 0.36 15.17 -17.75
C GLY B 33 -0.79 16.04 -17.27
N ASP B 34 -1.23 15.86 -16.02
CA ASP B 34 -2.29 16.70 -15.44
C ASP B 34 -1.88 18.17 -15.48
N GLU B 35 -2.86 19.05 -15.60
CA GLU B 35 -2.61 20.48 -15.70
C GLU B 35 -2.37 21.09 -14.31
N VAL B 36 -1.11 21.33 -13.99
CA VAL B 36 -0.75 21.88 -12.70
C VAL B 36 -0.29 23.33 -12.89
N LEU B 37 -0.28 24.09 -11.80
CA LEU B 37 0.13 25.48 -11.81
C LEU B 37 1.48 25.63 -11.10
N LEU B 38 2.45 26.17 -11.83
CA LEU B 38 3.71 26.61 -11.24
C LEU B 38 3.61 28.10 -10.97
N ILE B 39 3.89 28.48 -9.73
CA ILE B 39 4.01 29.90 -9.38
C ILE B 39 5.36 30.22 -8.74
N ARG B 40 5.90 31.39 -9.08
CA ARG B 40 7.12 31.90 -8.45
C ARG B 40 6.89 33.36 -8.08
N ARG B 41 7.22 33.70 -6.85
CA ARG B 41 6.88 34.99 -6.26
C ARG B 41 8.10 35.59 -5.60
N LEU B 42 8.31 36.88 -5.80
CA LEU B 42 9.23 37.67 -5.01
C LEU B 42 8.47 38.36 -3.86
N ARG B 43 8.74 37.91 -2.64
CA ARG B 43 8.11 38.46 -1.45
C ARG B 43 9.03 39.51 -0.83
N SER B 44 8.47 40.69 -0.59
CA SER B 44 9.15 41.78 0.10
C SER B 44 8.45 42.15 1.41
N THR B 45 9.19 42.81 2.29
CA THR B 45 8.61 43.45 3.49
C THR B 45 8.82 44.94 3.27
N GLY B 46 7.72 45.65 3.10
CA GLY B 46 7.78 46.99 2.56
C GLY B 46 8.44 46.90 1.20
N ASP B 47 9.56 47.59 1.05
CA ASP B 47 10.36 47.56 -0.18
C ASP B 47 11.64 46.75 -0.04
N ILE B 48 11.76 45.99 1.05
CA ILE B 48 12.93 45.13 1.23
C ILE B 48 12.57 43.70 0.80
N PRO B 49 13.21 43.20 -0.27
CA PRO B 49 13.02 41.79 -0.68
C PRO B 49 13.45 40.85 0.43
N VAL B 50 12.69 39.79 0.66
CA VAL B 50 13.00 38.84 1.71
C VAL B 50 13.12 37.41 1.20
N ALA B 51 12.32 37.08 0.20
CA ALA B 51 12.16 35.68 -0.18
C ALA B 51 11.74 35.50 -1.63
N ILE B 52 12.19 34.38 -2.19
CA ILE B 52 11.63 33.86 -3.43
C ILE B 52 10.84 32.58 -3.11
N LEU B 53 9.55 32.64 -3.39
CA LEU B 53 8.64 31.54 -3.06
C LEU B 53 8.23 30.85 -4.34
N GLU B 54 8.33 29.52 -4.34
CA GLU B 54 7.93 28.75 -5.51
C GLU B 54 7.01 27.62 -5.07
N ASN B 55 5.94 27.40 -5.83
CA ASN B 55 4.94 26.38 -5.48
C ASN B 55 4.42 25.68 -6.74
N TYR B 56 4.08 24.40 -6.60
CA TYR B 56 3.20 23.71 -7.53
C TYR B 56 1.83 23.52 -6.89
N LEU B 57 0.78 23.85 -7.63
CA LEU B 57 -0.58 23.58 -7.20
C LEU B 57 -1.19 22.50 -8.10
N PRO B 58 -1.94 21.56 -7.51
CA PRO B 58 -2.61 20.51 -8.29
C PRO B 58 -3.78 21.08 -9.10
N PRO B 59 -4.33 20.27 -10.03
CA PRO B 59 -5.44 20.73 -10.87
C PRO B 59 -6.59 21.32 -10.07
N ALA B 60 -6.89 20.77 -8.88
CA ALA B 60 -8.02 21.29 -8.06
C ALA B 60 -7.89 22.79 -7.77
N PHE B 61 -6.65 23.27 -7.67
CA PHE B 61 -6.41 24.67 -7.31
C PHE B 61 -5.59 25.43 -8.34
N ASN B 62 -5.60 24.95 -9.58
CA ASN B 62 -4.73 25.51 -10.63
C ASN B 62 -5.28 26.82 -11.22
N ASP B 63 -6.40 27.30 -10.68
CA ASP B 63 -7.02 28.58 -11.11
C ASP B 63 -6.66 29.78 -10.22
N VAL B 64 -5.76 29.58 -9.26
CA VAL B 64 -5.28 30.71 -8.46
C VAL B 64 -4.63 31.70 -9.42
N SER B 65 -5.08 32.95 -9.37
CA SER B 65 -4.67 33.96 -10.35
C SER B 65 -3.45 34.76 -9.91
N LEU B 66 -2.79 35.34 -10.90
CA LEU B 66 -1.66 36.21 -10.67
C LEU B 66 -2.08 37.41 -9.80
N ASP B 67 -3.25 37.97 -10.09
CA ASP B 67 -3.86 39.04 -9.28
C ASP B 67 -4.07 38.67 -7.82
N GLU B 68 -4.61 37.47 -7.57
CA GLU B 68 -4.83 37.01 -6.21
C GLU B 68 -3.52 36.94 -5.43
N LEU B 69 -2.46 36.53 -6.11
CA LEU B 69 -1.14 36.37 -5.50
C LEU B 69 -0.41 37.71 -5.25
N GLU B 70 -0.81 38.77 -5.97
CA GLU B 70 -0.22 40.08 -5.72
C GLU B 70 -1.00 40.88 -4.67
N LYS B 71 -2.23 40.43 -4.41
CA LYS B 71 -3.13 41.10 -3.46
C LYS B 71 -3.19 40.44 -2.10
N GLY B 72 -2.77 39.18 -2.01
CA GLY B 72 -2.92 38.43 -0.78
C GLY B 72 -2.02 37.21 -0.81
N GLY B 73 -2.13 36.38 0.20
CA GLY B 73 -1.32 35.15 0.25
C GLY B 73 -1.79 34.04 -0.67
N LEU B 74 -0.91 33.07 -0.91
CA LEU B 74 -1.34 31.83 -1.52
C LEU B 74 -2.45 31.22 -0.65
N TYR B 75 -2.22 31.17 0.65
CA TYR B 75 -3.17 30.51 1.55
C TYR B 75 -4.50 31.24 1.71
N ASP B 76 -4.51 32.56 1.48
CA ASP B 76 -5.76 33.30 1.37
C ASP B 76 -6.61 32.77 0.19
N ALA B 77 -5.94 32.62 -0.95
CA ALA B 77 -6.59 32.13 -2.17
C ALA B 77 -7.06 30.68 -1.97
N LEU B 78 -6.28 29.87 -1.25
CA LEU B 78 -6.68 28.47 -1.00
C LEU B 78 -7.83 28.37 0.00
N ARG B 79 -7.82 29.20 1.04
CA ARG B 79 -8.96 29.26 1.97
C ARG B 79 -10.27 29.67 1.25
N SER B 80 -10.21 30.65 0.35
CA SER B 80 -11.36 31.03 -0.49
C SER B 80 -11.90 29.86 -1.30
N ARG B 81 -11.05 28.87 -1.57
CA ARG B 81 -11.47 27.71 -2.33
C ARG B 81 -11.85 26.55 -1.41
N GLY B 82 -11.94 26.85 -0.11
CA GLY B 82 -12.43 25.86 0.87
C GLY B 82 -11.42 24.84 1.36
N VAL B 83 -10.14 25.09 1.11
CA VAL B 83 -9.14 24.12 1.55
C VAL B 83 -8.28 24.67 2.70
N VAL B 84 -8.06 23.85 3.73
CA VAL B 84 -7.07 24.19 4.74
C VAL B 84 -6.07 23.05 5.00
N LEU B 85 -4.87 23.47 5.35
CA LEU B 85 -3.80 22.59 5.75
C LEU B 85 -4.16 21.78 6.98
N LYS B 86 -3.88 20.48 6.93
CA LYS B 86 -3.85 19.62 8.10
C LYS B 86 -2.41 19.27 8.54
N ILE B 87 -1.56 18.84 7.61
CA ILE B 87 -0.16 18.55 7.92
C ILE B 87 0.78 19.31 6.95
N ALA B 88 1.84 19.94 7.48
CA ALA B 88 2.93 20.45 6.63
C ALA B 88 4.22 19.73 7.01
N ASN B 89 4.82 19.00 6.06
CA ASN B 89 6.13 18.35 6.30
C ASN B 89 7.21 19.16 5.62
N GLN B 90 8.20 19.61 6.38
CA GLN B 90 9.14 20.64 5.90
C GLN B 90 10.57 20.25 6.18
N LYS B 91 11.46 20.67 5.29
CA LYS B 91 12.87 20.44 5.45
C LYS B 91 13.55 21.78 5.26
N ILE B 92 14.39 22.13 6.23
CA ILE B 92 15.05 23.43 6.25
C ILE B 92 16.54 23.25 6.01
N GLY B 93 17.06 24.04 5.07
CA GLY B 93 18.45 23.92 4.66
C GLY B 93 19.07 25.25 4.37
N ALA B 94 20.22 25.24 3.73
CA ALA B 94 20.91 26.47 3.38
C ALA B 94 21.74 26.19 2.14
N ARG B 95 21.94 27.22 1.32
CA ARG B 95 22.78 27.08 0.11
C ARG B 95 23.20 28.46 -0.33
N ARG B 96 24.06 28.53 -1.35
CA ARG B 96 24.43 29.80 -1.95
C ARG B 96 23.35 30.31 -2.92
N ALA B 97 23.21 31.63 -3.03
CA ALA B 97 22.37 32.22 -4.06
C ALA B 97 22.99 31.88 -5.43
N VAL B 98 22.14 31.57 -6.41
CA VAL B 98 22.58 31.28 -7.77
C VAL B 98 21.75 32.12 -8.76
N GLY B 99 22.29 32.36 -9.96
CA GLY B 99 21.52 32.99 -11.03
C GLY B 99 21.12 34.40 -10.68
N GLU B 100 19.84 34.74 -10.89
CA GLU B 100 19.34 36.10 -10.58
C GLU B 100 18.96 36.29 -9.10
N GLU B 101 19.12 35.24 -8.30
CA GLU B 101 18.73 35.31 -6.87
C GLU B 101 19.38 36.48 -6.10
N SER B 102 20.68 36.68 -6.29
CA SER B 102 21.33 37.74 -5.53
C SER B 102 20.86 39.12 -5.96
N THR B 103 20.46 39.26 -7.24
CA THR B 103 19.93 40.53 -7.73
C THR B 103 18.51 40.77 -7.23
N LEU B 104 17.68 39.74 -7.31
CA LEU B 104 16.29 39.83 -6.84
C LEU B 104 16.20 40.09 -5.34
N LEU B 105 17.05 39.43 -4.56
CA LEU B 105 17.02 39.56 -3.10
C LEU B 105 17.95 40.65 -2.56
N ASP B 106 18.67 41.32 -3.46
CA ASP B 106 19.64 42.37 -3.12
C ASP B 106 20.68 41.90 -2.10
N ILE B 107 21.37 40.81 -2.43
CA ILE B 107 22.41 40.27 -1.55
C ILE B 107 23.68 40.05 -2.35
N GLU B 108 24.73 39.52 -1.72
CA GLU B 108 25.99 39.28 -2.39
C GLU B 108 25.91 38.06 -3.27
N ASP B 109 26.61 38.11 -4.41
CA ASP B 109 26.76 36.92 -5.26
C ASP B 109 27.35 35.77 -4.43
N GLY B 110 26.75 34.59 -4.51
CA GLY B 110 27.19 33.45 -3.73
C GLY B 110 26.87 33.52 -2.24
N GLY B 111 26.12 34.54 -1.83
CA GLY B 111 25.75 34.73 -0.43
C GLY B 111 24.83 33.62 0.09
N PRO B 112 24.75 33.45 1.43
CA PRO B 112 23.94 32.38 1.99
C PRO B 112 22.42 32.63 1.91
N LEU B 113 21.67 31.57 1.68
CA LEU B 113 20.22 31.63 1.70
C LEU B 113 19.69 30.54 2.61
N LEU B 114 18.64 30.83 3.37
CA LEU B 114 17.90 29.80 4.09
C LEU B 114 16.89 29.20 3.10
N THR B 115 16.70 27.89 3.13
CA THR B 115 15.79 27.23 2.19
C THR B 115 14.77 26.41 2.94
N VAL B 116 13.56 26.34 2.37
CA VAL B 116 12.49 25.49 2.94
C VAL B 116 11.84 24.70 1.83
N GLU B 117 11.82 23.36 1.99
CA GLU B 117 11.06 22.50 1.10
C GLU B 117 9.87 22.02 1.90
N ARG B 118 8.70 22.05 1.27
CA ARG B 118 7.46 21.84 1.99
C ARG B 118 6.44 21.03 1.22
N VAL B 119 5.76 20.11 1.92
CA VAL B 119 4.57 19.45 1.39
C VAL B 119 3.43 19.77 2.37
N ALA B 120 2.35 20.35 1.87
CA ALA B 120 1.15 20.62 2.64
C ALA B 120 0.06 19.63 2.24
N LEU B 121 -0.55 18.97 3.23
CA LEU B 121 -1.63 17.99 3.01
C LEU B 121 -2.91 18.42 3.69
N ASP B 122 -4.04 18.11 3.06
CA ASP B 122 -5.33 18.36 3.67
C ASP B 122 -5.68 17.20 4.61
N ASN B 123 -6.83 17.28 5.28
CA ASN B 123 -7.15 16.26 6.27
C ASN B 123 -7.59 14.93 5.67
N SER B 124 -7.74 14.89 4.34
CA SER B 124 -7.99 13.64 3.62
C SER B 124 -6.72 12.98 3.08
N GLY B 125 -5.57 13.59 3.29
CA GLY B 125 -4.30 13.01 2.83
C GLY B 125 -3.95 13.35 1.39
N GLN B 126 -4.59 14.38 0.86
CA GLN B 126 -4.33 14.83 -0.51
C GLN B 126 -3.44 16.05 -0.44
N VAL B 127 -2.45 16.12 -1.33
CA VAL B 127 -1.53 17.24 -1.31
C VAL B 127 -2.26 18.53 -1.75
N ILE B 128 -2.07 19.60 -0.98
CA ILE B 128 -2.61 20.91 -1.33
C ILE B 128 -1.63 21.69 -2.20
N GLU B 129 -0.35 21.68 -1.82
CA GLU B 129 0.69 22.39 -2.58
C GLU B 129 2.04 21.87 -2.22
N LEU B 130 2.99 22.07 -3.12
CA LEU B 130 4.39 21.80 -2.84
C LEU B 130 5.08 23.14 -2.84
N GLY B 131 5.96 23.37 -1.86
CA GLY B 131 6.75 24.61 -1.81
C GLY B 131 8.24 24.38 -1.84
N SER B 132 8.97 25.25 -2.52
CA SER B 132 10.43 25.31 -2.45
C SER B 132 10.82 26.78 -2.39
N HIS B 133 11.25 27.22 -1.21
CA HIS B 133 11.43 28.65 -0.94
C HIS B 133 12.83 28.97 -0.48
N CYS B 134 13.28 30.19 -0.75
CA CYS B 134 14.55 30.62 -0.24
C CYS B 134 14.40 32.03 0.31
N TYR B 135 15.14 32.32 1.39
CA TYR B 135 15.00 33.56 2.16
C TYR B 135 16.37 34.13 2.42
N ARG B 136 16.49 35.45 2.42
CA ARG B 136 17.73 36.04 2.88
C ARG B 136 17.75 35.98 4.42
N PRO B 137 18.78 35.32 4.96
CA PRO B 137 18.77 34.92 6.36
C PRO B 137 18.93 36.06 7.37
N ASP B 138 19.35 37.25 6.91
CA ASP B 138 19.38 38.41 7.80
C ASP B 138 17.97 38.98 7.99
N MET B 139 17.02 38.59 7.13
CA MET B 139 15.66 39.12 7.21
C MET B 139 14.68 38.10 7.79
N TYR B 140 15.04 36.83 7.73
CA TYR B 140 14.11 35.76 8.07
C TYR B 140 14.82 34.56 8.69
N ASN B 141 14.23 34.04 9.76
CA ASN B 141 14.64 32.76 10.33
C ASN B 141 13.40 31.94 10.57
N PHE B 142 13.55 30.62 10.55
CA PHE B 142 12.45 29.70 10.78
C PHE B 142 12.47 29.34 12.28
N GLU B 143 11.35 29.58 12.96
CA GLU B 143 11.27 29.26 14.39
C GLU B 143 10.40 28.05 14.59
N THR B 144 10.80 27.21 15.54
CA THR B 144 10.10 25.98 15.76
C THR B 144 10.19 25.60 17.24
N THR B 145 9.12 24.99 17.75
CA THR B 145 9.08 24.49 19.11
C THR B 145 8.76 23.00 19.13
N LEU B 146 9.54 22.26 19.93
CA LEU B 146 9.24 20.87 20.21
C LEU B 146 8.87 20.74 21.68
N VAL B 147 7.77 20.02 21.95
CA VAL B 147 7.32 19.74 23.30
C VAL B 147 7.31 18.23 23.49
N ALA B 148 8.06 17.75 24.49
CA ALA B 148 8.12 16.33 24.80
C ALA B 148 6.85 15.87 25.49
N LEU C 1 -6.97 -20.25 11.21
CA LEU C 1 -6.79 -19.97 12.67
C LEU C 1 -7.55 -21.03 13.49
N LYS C 2 -7.49 -20.89 14.82
CA LYS C 2 -8.01 -21.85 15.76
C LYS C 2 -9.47 -22.25 15.55
N ASN C 3 -10.37 -21.27 15.47
CA ASN C 3 -11.81 -21.56 15.32
C ASN C 3 -12.11 -22.38 14.05
N ALA C 4 -11.54 -21.94 12.93
CA ALA C 4 -11.74 -22.58 11.62
C ALA C 4 -11.31 -24.05 11.65
N ASN C 5 -10.20 -24.32 12.32
CA ASN C 5 -9.62 -25.67 12.38
C ASN C 5 -10.21 -26.56 13.46
N LEU C 6 -11.08 -25.99 14.28
CA LEU C 6 -11.70 -26.68 15.42
C LEU C 6 -12.47 -27.93 14.99
N ASP C 7 -13.43 -27.75 14.09
CA ASP C 7 -14.35 -28.83 13.77
C ASP C 7 -14.74 -28.83 12.28
N PRO C 8 -13.74 -29.10 11.39
CA PRO C 8 -13.98 -28.96 9.95
C PRO C 8 -15.06 -29.90 9.44
N LYS C 9 -15.98 -29.33 8.69
CA LYS C 9 -17.06 -30.10 8.06
C LYS C 9 -17.18 -29.59 6.64
N THR C 10 -17.61 -30.47 5.74
CA THR C 10 -17.68 -30.16 4.33
C THR C 10 -19.00 -30.64 3.75
N ARG C 11 -19.64 -29.79 2.97
CA ARG C 11 -20.78 -30.19 2.18
C ARG C 11 -20.42 -29.96 0.72
N VAL C 12 -20.60 -30.99 -0.11
CA VAL C 12 -20.32 -30.86 -1.52
C VAL C 12 -21.47 -30.12 -2.20
N LEU C 13 -21.12 -29.02 -2.86
CA LEU C 13 -22.05 -28.19 -3.63
C LEU C 13 -22.14 -28.66 -5.08
N GLU C 14 -21.02 -29.14 -5.62
CA GLU C 14 -20.99 -29.67 -6.97
C GLU C 14 -19.92 -30.76 -7.07
N HIS C 15 -20.24 -31.79 -7.85
CA HIS C 15 -19.34 -32.87 -8.17
C HIS C 15 -19.73 -33.26 -9.59
N ARG C 16 -18.91 -32.89 -10.57
CA ARG C 16 -19.30 -33.05 -11.97
C ARG C 16 -18.13 -33.43 -12.85
N LEU C 17 -18.24 -34.59 -13.50
CA LEU C 17 -17.27 -34.94 -14.54
C LEU C 17 -17.56 -34.13 -15.79
N LEU C 18 -16.50 -33.59 -16.40
CA LEU C 18 -16.68 -32.80 -17.61
C LEU C 18 -15.47 -32.90 -18.55
N ALA C 19 -15.68 -32.53 -19.81
CA ALA C 19 -14.62 -32.51 -20.80
C ALA C 19 -13.75 -31.27 -20.58
N ALA C 20 -12.45 -31.46 -20.43
CA ALA C 20 -11.56 -30.34 -20.16
C ALA C 20 -11.55 -29.41 -21.37
N SER C 21 -11.87 -28.14 -21.15
CA SER C 21 -11.67 -27.11 -22.17
C SER C 21 -10.18 -27.02 -22.47
N SER C 22 -9.82 -26.38 -23.59
CA SER C 22 -8.42 -26.22 -23.96
C SER C 22 -7.70 -25.45 -22.85
N ALA C 23 -8.38 -24.44 -22.30
CA ALA C 23 -7.84 -23.67 -21.18
C ALA C 23 -7.56 -24.51 -19.93
N ILE C 24 -8.53 -25.33 -19.52
CA ILE C 24 -8.38 -26.18 -18.33
C ILE C 24 -7.33 -27.25 -18.60
N ALA C 25 -7.38 -27.83 -19.81
CA ALA C 25 -6.41 -28.82 -20.22
C ALA C 25 -4.99 -28.28 -20.13
N GLU C 26 -4.80 -27.06 -20.63
CA GLU C 26 -3.47 -26.47 -20.57
C GLU C 26 -3.01 -26.30 -19.11
N LYS C 27 -3.91 -25.84 -18.23
CA LYS C 27 -3.54 -25.63 -16.84
C LYS C 27 -3.19 -26.94 -16.12
N LEU C 28 -3.89 -28.02 -16.47
CA LEU C 28 -3.65 -29.32 -15.85
C LEU C 28 -2.52 -30.05 -16.53
N GLY C 29 -2.10 -29.57 -17.70
CA GLY C 29 -1.17 -30.31 -18.56
C GLY C 29 -1.74 -31.59 -19.16
N VAL C 30 -3.03 -31.60 -19.46
CA VAL C 30 -3.65 -32.76 -20.10
C VAL C 30 -4.18 -32.36 -21.48
N SER C 31 -4.99 -33.22 -22.10
CA SER C 31 -5.51 -32.94 -23.45
C SER C 31 -6.92 -32.38 -23.39
N ALA C 32 -7.24 -31.48 -24.30
CA ALA C 32 -8.59 -30.97 -24.40
C ALA C 32 -9.56 -32.16 -24.61
N GLY C 33 -10.72 -32.08 -23.96
CA GLY C 33 -11.71 -33.16 -24.01
C GLY C 33 -11.50 -34.26 -22.98
N ASP C 34 -10.34 -34.25 -22.31
CA ASP C 34 -10.06 -35.25 -21.26
C ASP C 34 -11.11 -35.16 -20.16
N GLU C 35 -11.41 -36.28 -19.52
CA GLU C 35 -12.45 -36.26 -18.50
C GLU C 35 -11.90 -35.83 -17.14
N VAL C 36 -12.23 -34.60 -16.76
CA VAL C 36 -11.73 -34.03 -15.51
C VAL C 36 -12.87 -33.85 -14.53
N LEU C 37 -12.54 -33.66 -13.26
CA LEU C 37 -13.54 -33.56 -12.23
C LEU C 37 -13.60 -32.14 -11.61
N LEU C 38 -14.77 -31.53 -11.67
CA LEU C 38 -15.03 -30.26 -11.01
C LEU C 38 -15.73 -30.58 -9.70
N ILE C 39 -15.16 -30.06 -8.61
CA ILE C 39 -15.80 -30.16 -7.29
C ILE C 39 -15.89 -28.77 -6.68
N ARG C 40 -16.98 -28.54 -5.95
CA ARG C 40 -17.17 -27.28 -5.25
C ARG C 40 -17.70 -27.69 -3.88
N ARG C 41 -17.12 -27.14 -2.82
CA ARG C 41 -17.42 -27.57 -1.45
C ARG C 41 -17.64 -26.37 -0.54
N LEU C 42 -18.62 -26.47 0.33
CA LEU C 42 -18.77 -25.50 1.41
C LEU C 42 -18.06 -26.07 2.64
N ARG C 43 -17.02 -25.38 3.11
CA ARG C 43 -16.27 -25.80 4.28
C ARG C 43 -16.73 -24.99 5.48
N SER C 44 -17.04 -25.70 6.57
CA SER C 44 -17.51 -25.07 7.78
C SER C 44 -16.64 -25.48 8.96
N THR C 45 -16.81 -24.78 10.08
CA THR C 45 -16.34 -25.31 11.35
C THR C 45 -17.56 -25.44 12.26
N GLY C 46 -17.91 -26.69 12.57
CA GLY C 46 -19.23 -26.98 13.15
C GLY C 46 -20.28 -26.44 12.19
N ASP C 47 -21.14 -25.55 12.70
CA ASP C 47 -22.20 -24.94 11.91
C ASP C 47 -21.82 -23.60 11.31
N ILE C 48 -20.59 -23.15 11.53
CA ILE C 48 -20.14 -21.85 11.04
C ILE C 48 -19.42 -21.94 9.68
N PRO C 49 -19.99 -21.34 8.63
CA PRO C 49 -19.33 -21.33 7.31
C PRO C 49 -17.95 -20.70 7.38
N VAL C 50 -16.99 -21.23 6.64
CA VAL C 50 -15.62 -20.69 6.62
C VAL C 50 -15.18 -20.33 5.19
N ALA C 51 -15.40 -21.25 4.25
CA ALA C 51 -14.86 -21.13 2.91
C ALA C 51 -15.69 -21.85 1.88
N ILE C 52 -15.61 -21.37 0.65
CA ILE C 52 -16.07 -22.13 -0.51
C ILE C 52 -14.84 -22.54 -1.29
N LEU C 53 -14.70 -23.85 -1.46
CA LEU C 53 -13.54 -24.42 -2.10
C LEU C 53 -13.92 -24.99 -3.46
N GLU C 54 -13.14 -24.65 -4.49
CA GLU C 54 -13.37 -25.18 -5.83
C GLU C 54 -12.09 -25.79 -6.37
N ASN C 55 -12.20 -26.95 -7.00
CA ASN C 55 -11.05 -27.63 -7.57
C ASN C 55 -11.37 -28.30 -8.90
N TYR C 56 -10.36 -28.36 -9.76
CA TYR C 56 -10.32 -29.28 -10.89
C TYR C 56 -9.29 -30.37 -10.59
N LEU C 57 -9.70 -31.62 -10.81
CA LEU C 57 -8.81 -32.77 -10.73
C LEU C 57 -8.63 -33.38 -12.11
N PRO C 58 -7.39 -33.76 -12.45
CA PRO C 58 -7.11 -34.37 -13.74
C PRO C 58 -7.68 -35.80 -13.83
N PRO C 59 -7.68 -36.40 -15.05
CA PRO C 59 -8.24 -37.75 -15.20
C PRO C 59 -7.72 -38.80 -14.21
N ALA C 60 -6.44 -38.73 -13.84
CA ALA C 60 -5.89 -39.69 -12.89
C ALA C 60 -6.63 -39.76 -11.55
N PHE C 61 -7.28 -38.65 -11.17
CA PHE C 61 -7.95 -38.56 -9.86
C PHE C 61 -9.44 -38.20 -10.01
N ASN C 62 -9.98 -38.38 -11.22
CA ASN C 62 -11.37 -38.00 -11.49
C ASN C 62 -12.45 -38.91 -10.82
N ASP C 63 -12.02 -39.99 -10.18
CA ASP C 63 -12.93 -40.89 -9.46
C ASP C 63 -13.09 -40.58 -7.96
N VAL C 64 -12.46 -39.49 -7.48
CA VAL C 64 -12.75 -38.98 -6.13
C VAL C 64 -14.27 -38.79 -6.00
N SER C 65 -14.88 -39.42 -4.99
CA SER C 65 -16.34 -39.44 -4.86
C SER C 65 -16.85 -38.32 -3.97
N LEU C 66 -18.14 -38.04 -4.07
CA LEU C 66 -18.79 -37.03 -3.24
C LEU C 66 -18.69 -37.42 -1.75
N ASP C 67 -18.94 -38.68 -1.46
CA ASP C 67 -18.87 -39.19 -0.11
C ASP C 67 -17.47 -39.02 0.52
N GLU C 68 -16.40 -39.29 -0.25
CA GLU C 68 -15.03 -39.10 0.24
C GLU C 68 -14.82 -37.67 0.69
N LEU C 69 -15.48 -36.76 -0.02
CA LEU C 69 -15.28 -35.34 0.19
C LEU C 69 -16.12 -34.76 1.33
N GLU C 70 -17.12 -35.51 1.77
CA GLU C 70 -17.91 -35.09 2.92
C GLU C 70 -17.42 -35.79 4.19
N LYS C 71 -16.70 -36.90 4.02
CA LYS C 71 -16.07 -37.64 5.12
C LYS C 71 -14.67 -37.16 5.50
N GLY C 72 -13.91 -36.68 4.53
CA GLY C 72 -12.51 -36.25 4.76
C GLY C 72 -12.08 -35.15 3.82
N GLY C 73 -10.80 -34.81 3.86
CA GLY C 73 -10.25 -33.74 3.01
C GLY C 73 -10.04 -34.17 1.56
N LEU C 74 -9.82 -33.19 0.68
CA LEU C 74 -9.39 -33.50 -0.68
C LEU C 74 -8.08 -34.32 -0.65
N TYR C 75 -7.15 -33.91 0.20
CA TYR C 75 -5.83 -34.55 0.21
C TYR C 75 -5.81 -35.93 0.81
N ASP C 76 -6.81 -36.25 1.64
CA ASP C 76 -7.02 -37.63 2.09
C ASP C 76 -7.36 -38.49 0.89
N ALA C 77 -8.27 -38.00 0.05
CA ALA C 77 -8.67 -38.71 -1.16
C ALA C 77 -7.50 -38.86 -2.13
N LEU C 78 -6.74 -37.78 -2.33
CA LEU C 78 -5.58 -37.78 -3.21
C LEU C 78 -4.47 -38.70 -2.67
N ARG C 79 -4.20 -38.64 -1.37
CA ARG C 79 -3.17 -39.49 -0.73
C ARG C 79 -3.44 -41.00 -0.92
N SER C 80 -4.71 -41.41 -0.85
N SER C 80 -4.70 -41.40 -0.87
CA SER C 80 -5.10 -42.81 -1.10
CA SER C 80 -5.08 -42.80 -1.08
C SER C 80 -4.87 -43.23 -2.55
C SER C 80 -4.97 -43.22 -2.56
N ARG C 81 -4.66 -42.26 -3.44
CA ARG C 81 -4.39 -42.52 -4.85
C ARG C 81 -2.90 -42.29 -5.17
N GLY C 82 -2.07 -42.27 -4.15
CA GLY C 82 -0.62 -42.23 -4.35
C GLY C 82 -0.01 -40.85 -4.58
N VAL C 83 -0.83 -39.80 -4.44
CA VAL C 83 -0.34 -38.41 -4.58
C VAL C 83 0.63 -38.01 -3.47
N VAL C 84 1.75 -37.40 -3.85
CA VAL C 84 2.68 -36.79 -2.93
C VAL C 84 2.92 -35.36 -3.41
N LEU C 85 2.47 -34.41 -2.61
CA LEU C 85 2.60 -32.99 -2.97
C LEU C 85 4.07 -32.56 -2.89
N LYS C 86 4.58 -31.92 -3.93
CA LYS C 86 5.94 -31.33 -3.88
C LYS C 86 5.95 -29.80 -3.84
N ILE C 87 5.14 -29.15 -4.66
CA ILE C 87 5.09 -27.68 -4.72
C ILE C 87 3.64 -27.21 -4.68
N ALA C 88 3.34 -26.21 -3.87
CA ALA C 88 2.03 -25.53 -3.94
C ALA C 88 2.29 -24.06 -4.26
N ASN C 89 1.87 -23.63 -5.44
CA ASN C 89 1.91 -22.21 -5.79
C ASN C 89 0.56 -21.59 -5.49
N GLN C 90 0.57 -20.55 -4.66
CA GLN C 90 -0.68 -19.88 -4.25
C GLN C 90 -0.62 -18.38 -4.42
N LYS C 91 -1.71 -17.81 -4.92
CA LYS C 91 -1.85 -16.38 -5.07
C LYS C 91 -3.03 -15.96 -4.20
N ILE C 92 -2.75 -15.11 -3.21
CA ILE C 92 -3.74 -14.62 -2.27
C ILE C 92 -4.22 -13.22 -2.66
N GLY C 93 -5.54 -13.06 -2.75
CA GLY C 93 -6.14 -11.79 -3.14
C GLY C 93 -7.40 -11.57 -2.34
N ALA C 94 -8.23 -10.61 -2.78
CA ALA C 94 -9.50 -10.31 -2.11
C ALA C 94 -10.50 -9.82 -3.15
N ARG C 95 -11.80 -9.92 -2.82
CA ARG C 95 -12.84 -9.43 -3.72
C ARG C 95 -14.14 -9.37 -2.97
N ARG C 96 -15.16 -8.78 -3.57
CA ARG C 96 -16.52 -8.86 -3.03
C ARG C 96 -17.14 -10.23 -3.28
N ALA C 97 -17.92 -10.69 -2.30
CA ALA C 97 -18.82 -11.82 -2.47
C ALA C 97 -19.82 -11.51 -3.61
N VAL C 98 -20.11 -12.50 -4.44
CA VAL C 98 -21.08 -12.36 -5.53
C VAL C 98 -22.07 -13.54 -5.48
N GLY C 99 -23.21 -13.38 -6.14
CA GLY C 99 -24.17 -14.45 -6.28
C GLY C 99 -24.63 -14.96 -4.94
N GLU C 100 -24.58 -16.27 -4.75
CA GLU C 100 -25.05 -16.92 -3.51
C GLU C 100 -24.00 -16.97 -2.41
N GLU C 101 -22.80 -16.50 -2.70
CA GLU C 101 -21.69 -16.59 -1.74
C GLU C 101 -22.01 -15.99 -0.38
N SER C 102 -22.62 -14.79 -0.38
CA SER C 102 -22.92 -14.16 0.89
C SER C 102 -23.94 -14.95 1.72
N THR C 103 -24.89 -15.62 1.05
CA THR C 103 -25.82 -16.54 1.71
C THR C 103 -25.14 -17.80 2.23
N LEU C 104 -24.36 -18.46 1.37
CA LEU C 104 -23.61 -19.66 1.76
C LEU C 104 -22.62 -19.41 2.88
N LEU C 105 -21.94 -18.26 2.86
CA LEU C 105 -20.96 -17.96 3.91
C LEU C 105 -21.56 -17.20 5.11
N ASP C 106 -22.83 -16.81 5.01
CA ASP C 106 -23.52 -16.00 6.02
C ASP C 106 -22.78 -14.69 6.32
N ILE C 107 -22.55 -13.89 5.29
CA ILE C 107 -21.91 -12.58 5.45
C ILE C 107 -22.77 -11.52 4.76
N GLU C 108 -22.32 -10.27 4.77
CA GLU C 108 -23.08 -9.22 4.08
C GLU C 108 -22.96 -9.33 2.58
N ASP C 109 -24.03 -8.93 1.89
CA ASP C 109 -23.99 -8.74 0.45
C ASP C 109 -22.85 -7.80 0.07
N GLY C 110 -22.08 -8.18 -0.95
CA GLY C 110 -20.91 -7.40 -1.37
C GLY C 110 -19.77 -7.31 -0.35
N GLY C 111 -19.85 -8.11 0.71
CA GLY C 111 -18.80 -8.16 1.73
C GLY C 111 -17.50 -8.78 1.21
N PRO C 112 -16.36 -8.46 1.86
CA PRO C 112 -15.03 -8.88 1.38
C PRO C 112 -14.74 -10.35 1.67
N LEU C 113 -14.05 -11.00 0.73
CA LEU C 113 -13.61 -12.37 0.87
C LEU C 113 -12.13 -12.36 0.56
N LEU C 114 -11.39 -13.23 1.23
CA LEU C 114 -10.02 -13.52 0.91
C LEU C 114 -10.05 -14.61 -0.15
N THR C 115 -9.19 -14.52 -1.16
CA THR C 115 -9.19 -15.52 -2.24
C THR C 115 -7.84 -16.21 -2.36
N VAL C 116 -7.87 -17.47 -2.78
CA VAL C 116 -6.64 -18.23 -3.08
C VAL C 116 -6.80 -18.89 -4.45
N GLU C 117 -5.82 -18.67 -5.30
CA GLU C 117 -5.65 -19.43 -6.53
C GLU C 117 -4.46 -20.33 -6.34
N ARG C 118 -4.67 -21.61 -6.57
CA ARG C 118 -3.70 -22.59 -6.17
C ARG C 118 -3.39 -23.56 -7.32
N VAL C 119 -2.11 -23.85 -7.50
CA VAL C 119 -1.68 -24.93 -8.37
C VAL C 119 -0.78 -25.84 -7.55
N ALA C 120 -1.15 -27.10 -7.42
CA ALA C 120 -0.36 -28.08 -6.66
C ALA C 120 0.34 -29.00 -7.65
N LEU C 121 1.63 -29.25 -7.39
CA LEU C 121 2.48 -30.06 -8.27
C LEU C 121 3.17 -31.20 -7.56
N ASP C 122 3.31 -32.34 -8.24
CA ASP C 122 4.09 -33.46 -7.70
C ASP C 122 5.57 -33.35 -8.10
N ASN C 123 6.38 -34.32 -7.65
CA ASN C 123 7.83 -34.20 -7.80
C ASN C 123 8.31 -34.27 -9.25
N SER C 124 7.50 -34.83 -10.14
CA SER C 124 7.80 -34.83 -11.56
C SER C 124 7.23 -33.62 -12.32
N GLY C 125 6.76 -32.62 -11.57
CA GLY C 125 6.21 -31.40 -12.18
C GLY C 125 4.81 -31.52 -12.77
N GLN C 126 4.15 -32.64 -12.54
CA GLN C 126 2.77 -32.80 -13.04
C GLN C 126 1.76 -32.14 -12.10
N VAL C 127 0.69 -31.56 -12.66
CA VAL C 127 -0.33 -30.89 -11.86
C VAL C 127 -1.22 -31.93 -11.17
N ILE C 128 -1.25 -31.84 -9.84
CA ILE C 128 -2.09 -32.68 -9.02
C ILE C 128 -3.54 -32.15 -9.02
N GLU C 129 -3.68 -30.83 -8.96
CA GLU C 129 -4.96 -30.24 -8.56
C GLU C 129 -4.88 -28.72 -8.80
N LEU C 130 -5.97 -28.12 -9.27
CA LEU C 130 -6.09 -26.67 -9.40
C LEU C 130 -7.12 -26.24 -8.38
N GLY C 131 -6.83 -25.25 -7.55
CA GLY C 131 -7.84 -24.66 -6.63
C GLY C 131 -8.18 -23.18 -6.86
N SER C 132 -9.44 -22.80 -6.62
CA SER C 132 -9.89 -21.41 -6.57
C SER C 132 -10.86 -21.31 -5.38
N HIS C 133 -10.36 -20.71 -4.30
CA HIS C 133 -11.04 -20.78 -3.01
C HIS C 133 -11.33 -19.37 -2.52
N CYS C 134 -12.39 -19.22 -1.72
CA CYS C 134 -12.66 -17.94 -1.08
C CYS C 134 -13.06 -18.17 0.38
N TYR C 135 -12.64 -17.27 1.27
CA TYR C 135 -12.75 -17.46 2.72
C TYR C 135 -13.33 -16.22 3.31
N ARG C 136 -14.24 -16.35 4.28
CA ARG C 136 -14.60 -15.18 5.08
C ARG C 136 -13.42 -14.83 5.94
N PRO C 137 -12.94 -13.58 5.82
CA PRO C 137 -11.68 -13.19 6.45
C PRO C 137 -11.74 -13.00 7.97
N ASP C 138 -12.94 -12.98 8.55
CA ASP C 138 -13.04 -13.02 10.01
C ASP C 138 -12.81 -14.45 10.54
N MET C 139 -12.93 -15.45 9.68
CA MET C 139 -12.75 -16.84 10.10
C MET C 139 -11.37 -17.41 9.69
N TYR C 140 -10.71 -16.78 8.72
CA TYR C 140 -9.49 -17.35 8.16
C TYR C 140 -8.58 -16.28 7.57
N ASN C 141 -7.30 -16.31 7.92
CA ASN C 141 -6.25 -15.49 7.31
C ASN C 141 -5.07 -16.38 6.94
N PHE C 142 -4.24 -15.91 6.02
CA PHE C 142 -3.04 -16.67 5.62
C PHE C 142 -1.80 -16.16 6.28
N GLU C 143 -1.13 -17.05 7.00
CA GLU C 143 0.11 -16.70 7.68
C GLU C 143 1.32 -17.30 6.99
N THR C 144 2.37 -16.51 6.86
CA THR C 144 3.63 -16.95 6.27
C THR C 144 4.84 -16.47 7.05
N THR C 145 5.95 -17.18 6.88
CA THR C 145 7.23 -16.83 7.46
C THR C 145 8.30 -16.94 6.38
N LEU C 146 8.91 -15.81 6.08
CA LEU C 146 10.04 -15.72 5.18
C LEU C 146 11.32 -15.65 5.99
N VAL C 147 12.33 -16.41 5.58
CA VAL C 147 13.66 -16.31 6.14
C VAL C 147 14.61 -15.95 5.00
N ALA C 148 15.34 -14.83 5.15
CA ALA C 148 16.25 -14.32 4.11
C ALA C 148 17.41 -15.28 3.81
#